data_4IJX
#
_entry.id   4IJX
#
_cell.length_a   72.369
_cell.length_b   72.369
_cell.length_c   133.379
_cell.angle_alpha   90.00
_cell.angle_beta   90.00
_cell.angle_gamma   90.00
#
_symmetry.space_group_name_H-M   'P 43 21 2'
#
loop_
_entity.id
_entity.type
_entity.pdbx_description
1 polymer "Bis(5'-nucleosyl)-tetraphosphatase [asymmetrical]"
2 non-polymer 'MAGNESIUM ION'
3 non-polymer DIPHOSPHATE
4 non-polymer GLYCEROL
5 non-polymer 'PHOSPHATE ION'
6 water water
#
_entity_poly.entity_id   1
_entity_poly.type   'polypeptide(L)'
_entity_poly.pdbx_seq_one_letter_code
;MALRACGLIIFRRCLIPKVDNNAIEFLLLQASDGIHHWTPPKGHVEPGEDDLETALRATQEEAGIEAGQLTIIEGFKREL
NYVARNKPKTVIYWLAEVKDYDVEIRLSHEHQAYRWLGLEEACQLAQFKEMKAALQEGHQFLCSIEALEHHHHHH
;
_entity_poly.pdbx_strand_id   A,B
#
# COMPACT_ATOMS: atom_id res chain seq x y z
N ARG A 4 0.65 16.27 8.76
CA ARG A 4 0.62 15.43 7.49
C ARG A 4 1.87 15.63 6.65
N ALA A 5 2.49 14.52 6.29
CA ALA A 5 3.77 14.54 5.58
C ALA A 5 3.68 13.72 4.29
N CYS A 6 4.54 14.00 3.33
CA CYS A 6 4.62 13.19 2.13
C CYS A 6 6.09 12.95 1.81
N GLY A 7 6.38 11.80 1.23
CA GLY A 7 7.77 11.51 0.88
C GLY A 7 7.87 10.50 -0.22
N LEU A 8 9.11 10.15 -0.53
CA LEU A 8 9.40 9.18 -1.58
C LEU A 8 10.21 8.05 -0.97
N ILE A 9 9.73 6.83 -1.20
CA ILE A 9 10.58 5.64 -1.08
C ILE A 9 11.53 5.67 -2.27
N ILE A 10 12.76 6.05 -1.99
CA ILE A 10 13.80 6.20 -3.00
CA ILE A 10 13.78 6.17 -3.02
C ILE A 10 14.56 4.86 -3.11
N PHE A 11 14.84 4.41 -4.33
CA PHE A 11 15.61 3.21 -4.54
C PHE A 11 16.55 3.40 -5.70
N ARG A 12 17.55 2.54 -5.77
CA ARG A 12 18.41 2.48 -6.92
C ARG A 12 18.54 1.02 -7.32
N ARG A 13 18.82 0.80 -8.61
CA ARG A 13 19.02 -0.57 -9.11
C ARG A 13 20.51 -0.87 -9.19
N CYS A 14 20.87 -2.09 -8.85
CA CYS A 14 22.26 -2.50 -8.75
C CYS A 14 22.32 -3.61 -9.79
N LEU A 15 22.90 -3.30 -10.94
CA LEU A 15 22.72 -4.12 -12.13
C LEU A 15 23.95 -4.92 -12.53
N ILE A 16 24.84 -5.18 -11.59
CA ILE A 16 26.00 -6.05 -11.82
C ILE A 16 25.66 -7.46 -11.34
N PRO A 17 25.40 -8.36 -12.27
CA PRO A 17 24.74 -9.64 -12.00
C PRO A 17 25.44 -10.64 -11.06
N LYS A 18 26.74 -10.84 -11.18
CA LYS A 18 27.45 -11.75 -10.28
C LYS A 18 27.65 -11.14 -8.91
N VAL A 19 27.79 -9.82 -8.89
CA VAL A 19 28.19 -9.05 -7.71
C VAL A 19 27.02 -8.73 -6.79
N ASP A 20 26.02 -8.05 -7.34
CA ASP A 20 25.04 -7.37 -6.52
C ASP A 20 24.09 -8.35 -5.85
N ASN A 21 24.16 -8.44 -4.53
CA ASN A 21 23.27 -9.28 -3.74
C ASN A 21 21.81 -8.88 -3.92
N ASN A 22 21.55 -7.56 -4.02
CA ASN A 22 20.21 -6.99 -4.10
C ASN A 22 20.07 -6.16 -5.36
N ALA A 23 19.19 -6.55 -6.28
CA ALA A 23 19.00 -5.74 -7.47
C ALA A 23 18.40 -4.36 -7.16
N ILE A 24 17.76 -4.24 -6.00
CA ILE A 24 17.09 -3.01 -5.54
C ILE A 24 17.64 -2.63 -4.14
N GLU A 25 18.08 -1.38 -3.97
CA GLU A 25 18.47 -0.90 -2.64
C GLU A 25 17.65 0.33 -2.31
N PHE A 26 17.20 0.46 -1.04
CA PHE A 26 16.40 1.58 -0.60
C PHE A 26 17.22 2.58 0.20
N LEU A 27 16.95 3.88 0.00
CA LEU A 27 17.61 4.94 0.76
C LEU A 27 16.88 5.22 2.07
N LEU A 28 17.57 5.10 3.19
CA LEU A 28 17.01 5.47 4.49
C LEU A 28 17.86 6.56 5.12
N LEU A 29 17.21 7.53 5.78
CA LEU A 29 17.90 8.64 6.46
C LEU A 29 17.71 8.50 7.95
N GLN A 30 18.76 8.79 8.73
CA GLN A 30 18.65 8.64 10.18
C GLN A 30 18.42 10.00 10.82
N ALA A 31 17.36 10.11 11.61
CA ALA A 31 17.05 11.39 12.28
C ALA A 31 18.22 11.89 13.16
N SER A 32 18.37 13.21 13.17
CA SER A 32 19.37 13.87 14.01
C SER A 32 19.02 13.79 15.48
N ASP A 33 17.72 13.80 15.78
CA ASP A 33 17.23 13.94 17.15
C ASP A 33 16.59 12.65 17.68
N GLY A 34 15.85 12.78 18.78
CA GLY A 34 15.03 11.71 19.33
C GLY A 34 15.72 10.36 19.31
N ILE A 35 14.97 9.33 18.93
CA ILE A 35 15.48 7.95 18.87
C ILE A 35 16.55 7.76 17.77
N HIS A 36 16.66 8.70 16.84
CA HIS A 36 17.44 8.49 15.61
C HIS A 36 16.81 7.42 14.77
N HIS A 37 15.51 7.56 14.50
CA HIS A 37 14.78 6.68 13.59
C HIS A 37 15.34 6.75 12.20
N TRP A 38 15.06 5.71 11.42
CA TRP A 38 15.45 5.64 10.00
C TRP A 38 14.23 5.64 9.12
N THR A 39 14.12 6.62 8.21
CA THR A 39 12.99 6.60 7.25
C THR A 39 13.43 7.09 5.88
N PRO A 40 12.58 6.83 4.86
CA PRO A 40 12.83 7.50 3.59
C PRO A 40 12.58 8.99 3.74
N PRO A 41 13.06 9.81 2.80
CA PRO A 41 12.89 11.26 2.79
C PRO A 41 11.38 11.62 2.81
N LYS A 42 10.99 12.53 3.69
CA LYS A 42 9.60 12.99 3.80
C LYS A 42 9.59 14.38 4.44
N GLY A 43 8.48 15.12 4.27
CA GLY A 43 8.32 16.49 4.83
C GLY A 43 6.85 16.88 4.89
N HIS A 44 6.52 17.90 5.72
CA HIS A 44 5.13 18.33 5.95
CA HIS A 44 5.13 18.28 5.93
C HIS A 44 4.58 19.02 4.74
N VAL A 45 3.29 18.88 4.51
CA VAL A 45 2.62 19.55 3.38
C VAL A 45 2.60 21.09 3.56
N GLU A 46 2.41 21.83 2.46
CA GLU A 46 2.23 23.26 2.50
C GLU A 46 0.86 23.61 1.97
N PRO A 47 0.27 24.74 2.45
CA PRO A 47 -1.01 25.18 1.89
C PRO A 47 -0.97 25.31 0.35
N GLY A 48 -1.97 24.74 -0.29
CA GLY A 48 -2.06 24.74 -1.75
C GLY A 48 -1.12 23.79 -2.48
N GLU A 49 -0.17 23.16 -1.77
CA GLU A 49 0.76 22.21 -2.40
C GLU A 49 0.11 20.84 -2.63
N ASP A 50 0.28 20.32 -3.83
CA ASP A 50 -0.12 18.95 -4.18
C ASP A 50 0.74 17.93 -3.36
N ASP A 51 0.14 16.82 -2.89
CA ASP A 51 0.85 15.84 -2.06
C ASP A 51 2.10 15.31 -2.76
N LEU A 52 2.01 15.00 -4.04
CA LEU A 52 3.17 14.54 -4.75
C LEU A 52 4.26 15.61 -4.90
N GLU A 53 3.88 16.88 -5.10
CA GLU A 53 4.89 17.94 -5.12
C GLU A 53 5.58 18.10 -3.74
N THR A 54 4.82 17.97 -2.67
CA THR A 54 5.43 17.95 -1.33
C THR A 54 6.50 16.82 -1.21
N ALA A 55 6.19 15.62 -1.68
CA ALA A 55 7.15 14.49 -1.59
C ALA A 55 8.43 14.84 -2.37
N LEU A 56 8.29 15.41 -3.57
CA LEU A 56 9.44 15.79 -4.41
C LEU A 56 10.24 16.89 -3.74
N ARG A 57 9.54 17.87 -3.21
CA ARG A 57 10.19 18.96 -2.50
C ARG A 57 10.91 18.45 -1.24
N ALA A 58 10.25 17.59 -0.47
CA ALA A 58 10.86 17.12 0.77
C ALA A 58 12.11 16.27 0.45
N THR A 59 12.05 15.50 -0.62
CA THR A 59 13.22 14.70 -1.04
C THR A 59 14.42 15.59 -1.38
N GLN A 60 14.16 16.69 -2.09
CA GLN A 60 15.19 17.69 -2.38
C GLN A 60 15.73 18.28 -1.08
N GLU A 61 14.83 18.64 -0.17
CA GLU A 61 15.25 19.28 1.10
C GLU A 61 16.00 18.32 2.01
N GLU A 62 15.52 17.10 2.14
CA GLU A 62 16.06 16.18 3.15
C GLU A 62 17.27 15.39 2.66
N ALA A 63 17.29 15.08 1.35
CA ALA A 63 18.30 14.17 0.77
C ALA A 63 19.17 14.82 -0.31
N GLY A 64 18.84 16.07 -0.68
CA GLY A 64 19.57 16.75 -1.73
C GLY A 64 19.33 16.19 -3.14
N ILE A 65 18.29 15.40 -3.33
CA ILE A 65 18.00 14.83 -4.66
C ILE A 65 16.96 15.66 -5.40
N GLU A 66 17.40 16.26 -6.51
CA GLU A 66 16.58 17.13 -7.34
C GLU A 66 15.70 16.35 -8.27
N ALA A 67 14.67 17.01 -8.79
CA ALA A 67 13.67 16.33 -9.62
C ALA A 67 14.32 15.71 -10.88
N GLY A 68 15.36 16.37 -11.41
CA GLY A 68 16.11 15.86 -12.57
C GLY A 68 16.84 14.54 -12.34
N GLN A 69 17.02 14.17 -11.08
CA GLN A 69 17.79 12.99 -10.69
C GLN A 69 16.89 11.79 -10.31
N LEU A 70 15.57 11.94 -10.43
CA LEU A 70 14.61 10.96 -9.95
C LEU A 70 13.64 10.62 -11.04
N THR A 71 13.08 9.43 -10.97
CA THR A 71 11.86 9.16 -11.75
C THR A 71 10.79 8.57 -10.83
N ILE A 72 9.64 9.24 -10.72
CA ILE A 72 8.46 8.70 -10.05
C ILE A 72 7.91 7.46 -10.76
N ILE A 73 7.68 6.39 -10.00
CA ILE A 73 7.17 5.14 -10.58
C ILE A 73 5.65 5.13 -10.40
N GLU A 74 4.91 5.18 -11.50
CA GLU A 74 3.47 5.35 -11.39
C GLU A 74 2.83 4.05 -10.94
N GLY A 75 1.79 4.15 -10.14
CA GLY A 75 1.02 2.95 -9.78
C GLY A 75 1.18 2.54 -8.33
N PHE A 76 2.10 3.20 -7.62
CA PHE A 76 2.29 2.89 -6.24
C PHE A 76 2.12 4.13 -5.38
N LYS A 77 1.35 3.96 -4.33
CA LYS A 77 1.21 4.98 -3.32
C LYS A 77 0.85 4.23 -2.05
N ARG A 78 1.38 4.67 -0.93
CA ARG A 78 1.08 4.05 0.33
C ARG A 78 0.95 5.11 1.45
N GLU A 79 -0.19 5.11 2.11
CA GLU A 79 -0.44 6.00 3.21
C GLU A 79 -0.26 5.27 4.53
N LEU A 80 0.57 5.83 5.39
CA LEU A 80 0.79 5.32 6.72
C LEU A 80 0.13 6.19 7.77
N ASN A 81 -0.50 5.54 8.73
CA ASN A 81 -1.10 6.20 9.88
C ASN A 81 -0.63 5.49 11.11
N TYR A 82 0.00 6.25 12.00
CA TYR A 82 0.52 5.68 13.22
C TYR A 82 0.60 6.72 14.32
N VAL A 83 0.77 6.20 15.53
CA VAL A 83 0.93 7.03 16.71
C VAL A 83 2.41 6.94 17.14
N ALA A 84 3.10 8.09 17.19
CA ALA A 84 4.46 8.16 17.73
C ALA A 84 4.51 9.19 18.86
N ARG A 85 5.03 8.77 20.03
CA ARG A 85 5.10 9.63 21.23
C ARG A 85 3.72 10.19 21.58
N ASN A 86 2.72 9.32 21.52
CA ASN A 86 1.29 9.67 21.70
C ASN A 86 0.70 10.79 20.83
N LYS A 87 1.32 11.03 19.67
CA LYS A 87 0.80 11.97 18.67
C LYS A 87 0.45 11.24 17.35
N PRO A 88 -0.70 11.57 16.76
CA PRO A 88 -1.11 10.96 15.50
C PRO A 88 -0.20 11.38 14.35
N LYS A 89 0.17 10.42 13.50
CA LYS A 89 1.02 10.72 12.36
C LYS A 89 0.45 10.15 11.05
N THR A 90 0.45 10.96 10.00
CA THR A 90 0.09 10.48 8.68
C THR A 90 1.19 10.80 7.67
N VAL A 91 1.61 9.80 6.89
CA VAL A 91 2.62 10.02 5.87
C VAL A 91 2.22 9.31 4.58
N ILE A 92 2.33 10.02 3.47
CA ILE A 92 2.08 9.38 2.16
C ILE A 92 3.36 9.22 1.39
N TYR A 93 3.64 8.01 0.91
CA TYR A 93 4.82 7.79 0.12
C TYR A 93 4.48 7.36 -1.30
N TRP A 94 5.27 7.88 -2.27
CA TRP A 94 5.37 7.35 -3.61
C TRP A 94 6.69 6.68 -3.75
N LEU A 95 6.91 5.97 -4.86
N LEU A 95 6.94 6.11 -4.92
CA LEU A 95 8.18 5.32 -5.16
CA LEU A 95 8.13 5.36 -5.18
C LEU A 95 8.86 6.14 -6.22
C LEU A 95 8.87 6.09 -6.27
N ALA A 96 10.19 6.26 -6.12
CA ALA A 96 10.96 6.96 -7.12
C ALA A 96 12.33 6.34 -7.24
N GLU A 97 12.79 6.17 -8.49
CA GLU A 97 14.10 5.61 -8.77
C GLU A 97 15.07 6.74 -9.01
N VAL A 98 16.27 6.64 -8.43
CA VAL A 98 17.35 7.60 -8.81
C VAL A 98 17.95 7.24 -10.18
N LYS A 99 18.25 8.26 -10.96
CA LYS A 99 18.89 8.12 -12.28
C LYS A 99 20.27 7.47 -12.16
N ASP A 100 21.06 7.93 -11.20
CA ASP A 100 22.47 7.52 -11.08
C ASP A 100 22.67 6.84 -9.74
N TYR A 101 23.25 5.65 -9.78
CA TYR A 101 23.67 4.91 -8.58
C TYR A 101 24.44 5.79 -7.59
N ASP A 102 25.26 6.70 -8.12
CA ASP A 102 26.19 7.49 -7.32
C ASP A 102 25.60 8.89 -7.00
N VAL A 103 24.29 9.06 -7.16
CA VAL A 103 23.67 10.37 -6.89
C VAL A 103 24.19 10.89 -5.54
N GLU A 104 24.54 12.17 -5.50
CA GLU A 104 25.05 12.76 -4.27
C GLU A 104 23.96 12.99 -3.23
N ILE A 105 24.11 12.38 -2.06
CA ILE A 105 23.12 12.56 -0.99
C ILE A 105 23.59 13.72 -0.11
N ARG A 106 22.78 14.78 0.03
CA ARG A 106 23.18 15.93 0.81
C ARG A 106 22.15 16.09 1.91
N LEU A 107 22.58 15.86 3.14
CA LEU A 107 21.65 15.90 4.25
C LEU A 107 21.52 17.33 4.78
N SER A 108 20.38 17.64 5.38
CA SER A 108 20.23 18.83 6.18
C SER A 108 20.43 18.47 7.66
N HIS A 109 20.30 19.47 8.53
CA HIS A 109 20.40 19.30 9.99
C HIS A 109 19.40 18.32 10.56
N GLU A 110 18.34 17.98 9.81
CA GLU A 110 17.33 17.06 10.32
C GLU A 110 17.84 15.62 10.37
N HIS A 111 18.89 15.31 9.59
CA HIS A 111 19.39 13.92 9.52
C HIS A 111 20.88 13.83 9.62
N GLN A 112 21.37 12.75 10.22
CA GLN A 112 22.82 12.70 10.48
C GLN A 112 23.53 11.60 9.70
N ALA A 113 22.79 10.73 9.03
CA ALA A 113 23.43 9.69 8.25
C ALA A 113 22.46 9.14 7.22
N TYR A 114 22.97 8.42 6.21
CA TYR A 114 22.09 7.68 5.30
C TYR A 114 22.68 6.30 5.03
N ARG A 115 21.81 5.35 4.63
CA ARG A 115 22.21 4.04 4.13
C ARG A 115 21.37 3.70 2.91
N TRP A 116 22.00 2.99 1.99
CA TRP A 116 21.37 2.29 0.87
C TRP A 116 21.34 0.82 1.22
N LEU A 117 20.13 0.24 1.32
CA LEU A 117 20.01 -1.13 1.82
C LEU A 117 19.09 -1.99 1.01
N GLY A 118 19.44 -3.27 0.91
CA GLY A 118 18.52 -4.29 0.41
C GLY A 118 17.28 -4.35 1.29
N LEU A 119 16.19 -4.90 0.72
CA LEU A 119 14.88 -4.90 1.37
C LEU A 119 14.96 -5.43 2.80
N GLU A 120 15.57 -6.62 3.00
CA GLU A 120 15.57 -7.21 4.32
C GLU A 120 16.27 -6.32 5.34
N GLU A 121 17.46 -5.83 5.02
CA GLU A 121 18.20 -4.93 5.92
C GLU A 121 17.51 -3.58 6.07
N ALA A 122 16.89 -3.07 5.00
CA ALA A 122 16.08 -1.84 5.15
C ALA A 122 14.95 -1.99 6.18
N CYS A 123 14.24 -3.12 6.10
CA CYS A 123 13.19 -3.44 7.06
C CYS A 123 13.68 -3.49 8.50
N GLN A 124 14.78 -4.20 8.71
CA GLN A 124 15.37 -4.28 10.05
C GLN A 124 15.76 -2.89 10.57
N LEU A 125 16.36 -2.03 9.74
CA LEU A 125 16.73 -0.67 10.22
C LEU A 125 15.52 0.19 10.45
N ALA A 126 14.57 0.14 9.52
CA ALA A 126 13.37 0.98 9.65
C ALA A 126 12.62 0.62 10.93
N GLN A 127 12.65 -0.67 11.27
CA GLN A 127 12.10 -1.24 12.51
C GLN A 127 10.57 -1.24 12.61
N PHE A 128 9.98 -0.04 12.56
CA PHE A 128 8.53 0.13 12.72
C PHE A 128 7.70 -0.65 11.67
N LYS A 129 6.64 -1.34 12.12
CA LYS A 129 5.90 -2.27 11.27
C LYS A 129 5.20 -1.68 10.02
N GLU A 130 4.65 -0.49 10.12
CA GLU A 130 4.02 0.18 8.97
C GLU A 130 5.05 0.52 7.85
N MET A 131 6.25 0.90 8.27
N MET A 131 6.26 0.89 8.28
CA MET A 131 7.31 1.28 7.35
CA MET A 131 7.33 1.29 7.37
C MET A 131 7.90 0.02 6.72
C MET A 131 7.90 0.03 6.72
N LYS A 132 8.08 -1.03 7.52
CA LYS A 132 8.51 -2.33 6.99
C LYS A 132 7.49 -2.80 5.94
N ALA A 133 6.21 -2.75 6.27
CA ALA A 133 5.15 -3.13 5.30
C ALA A 133 5.25 -2.30 4.04
N ALA A 134 5.45 -0.99 4.15
CA ALA A 134 5.44 -0.13 2.98
C ALA A 134 6.64 -0.43 2.07
N LEU A 135 7.81 -0.71 2.67
CA LEU A 135 8.98 -1.06 1.86
C LEU A 135 8.81 -2.40 1.17
N GLN A 136 8.27 -3.37 1.89
CA GLN A 136 8.00 -4.68 1.32
C GLN A 136 7.01 -4.60 0.19
N GLU A 137 5.95 -3.82 0.39
CA GLU A 137 4.94 -3.61 -0.64
C GLU A 137 5.49 -2.88 -1.85
N GLY A 138 6.37 -1.90 -1.62
CA GLY A 138 7.05 -1.19 -2.72
C GLY A 138 7.93 -2.14 -3.53
N HIS A 139 8.69 -2.97 -2.85
CA HIS A 139 9.53 -3.98 -3.52
C HIS A 139 8.69 -4.95 -4.34
N GLN A 140 7.60 -5.41 -3.77
CA GLN A 140 6.66 -6.31 -4.48
C GLN A 140 6.09 -5.68 -5.74
N PHE A 141 5.66 -4.42 -5.63
CA PHE A 141 5.19 -3.67 -6.78
C PHE A 141 6.24 -3.55 -7.91
N LEU A 142 7.48 -3.19 -7.55
CA LEU A 142 8.57 -3.09 -8.52
C LEU A 142 8.83 -4.43 -9.27
N CYS A 143 8.85 -5.52 -8.54
CA CYS A 143 8.97 -6.85 -9.17
C CYS A 143 7.81 -7.18 -10.12
N SER A 144 6.59 -6.84 -9.72
CA SER A 144 5.43 -7.14 -10.56
C SER A 144 5.46 -6.33 -11.85
N ILE A 145 5.83 -5.06 -11.75
CA ILE A 145 6.03 -4.20 -12.90
C ILE A 145 7.10 -4.76 -13.87
N GLU A 146 8.29 -5.07 -13.35
CA GLU A 146 9.35 -5.71 -14.16
C GLU A 146 8.83 -6.95 -14.88
N ALA A 147 8.09 -7.81 -14.19
CA ALA A 147 7.54 -9.02 -14.83
C ALA A 147 6.66 -8.68 -16.03
N LEU A 148 5.73 -7.74 -15.87
CA LEU A 148 4.83 -7.35 -16.95
C LEU A 148 5.56 -6.77 -18.18
N GLU A 149 6.59 -5.97 -17.95
CA GLU A 149 7.40 -5.42 -19.03
C GLU A 149 8.32 -6.48 -19.65
N HIS A 150 8.74 -7.47 -18.85
CA HIS A 150 9.61 -8.58 -19.29
C HIS A 150 9.02 -9.36 -20.44
N LEU B 3 -8.03 -9.72 16.41
CA LEU B 3 -6.65 -9.21 16.24
C LEU B 3 -6.26 -9.07 14.76
N ARG B 4 -6.12 -10.22 14.10
CA ARG B 4 -5.57 -10.31 12.76
C ARG B 4 -6.56 -10.91 11.76
N ALA B 5 -6.85 -10.16 10.71
CA ALA B 5 -7.76 -10.63 9.69
C ALA B 5 -7.14 -10.49 8.28
N CYS B 6 -7.69 -11.20 7.31
CA CYS B 6 -7.20 -11.11 5.94
C CYS B 6 -8.39 -11.15 5.02
N GLY B 7 -8.29 -10.43 3.90
CA GLY B 7 -9.38 -10.45 2.96
C GLY B 7 -8.93 -10.08 1.57
N LEU B 8 -9.91 -9.94 0.67
CA LEU B 8 -9.60 -9.59 -0.69
C LEU B 8 -10.43 -8.38 -1.02
N ILE B 9 -9.78 -7.38 -1.57
CA ILE B 9 -10.50 -6.31 -2.25
C ILE B 9 -10.94 -6.88 -3.60
N ILE B 10 -12.20 -7.34 -3.63
CA ILE B 10 -12.83 -7.98 -4.79
C ILE B 10 -13.29 -6.88 -5.75
N PHE B 11 -12.97 -7.01 -7.02
CA PHE B 11 -13.38 -6.04 -8.00
C PHE B 11 -13.80 -6.74 -9.30
N ARG B 12 -14.55 -6.00 -10.11
CA ARG B 12 -14.91 -6.44 -11.42
C ARG B 12 -14.68 -5.27 -12.35
N ARG B 13 -14.51 -5.59 -13.62
CA ARG B 13 -14.23 -4.58 -14.63
C ARG B 13 -15.35 -4.59 -15.67
N CYS B 14 -15.96 -3.43 -15.92
CA CYS B 14 -17.01 -3.34 -16.95
C CYS B 14 -16.43 -3.08 -18.33
N LEU B 15 -16.52 -4.06 -19.21
CA LEU B 15 -15.95 -3.90 -20.54
C LEU B 15 -16.89 -3.23 -21.56
N ILE B 16 -18.05 -2.72 -21.10
CA ILE B 16 -18.97 -1.96 -21.97
C ILE B 16 -19.02 -0.45 -21.62
N PRO B 17 -18.57 0.42 -22.55
CA PRO B 17 -18.69 1.86 -22.32
C PRO B 17 -20.11 2.37 -22.57
N LYS B 18 -20.85 2.57 -21.48
CA LYS B 18 -22.26 3.00 -21.54
C LYS B 18 -22.42 4.42 -22.07
N ASN B 22 -17.53 4.11 -14.37
CA ASN B 22 -16.57 3.27 -13.63
C ASN B 22 -16.17 2.06 -14.45
N ALA B 23 -14.94 2.04 -14.96
CA ALA B 23 -14.40 0.79 -15.45
C ALA B 23 -14.43 -0.18 -14.27
N ILE B 24 -13.88 0.23 -13.13
CA ILE B 24 -13.74 -0.66 -11.98
C ILE B 24 -14.84 -0.47 -10.93
N GLU B 25 -15.39 -1.58 -10.44
CA GLU B 25 -16.28 -1.61 -9.29
C GLU B 25 -15.79 -2.57 -8.22
N PHE B 26 -15.91 -2.18 -6.94
CA PHE B 26 -15.48 -2.97 -5.80
C PHE B 26 -16.69 -3.52 -5.07
N LEU B 27 -16.56 -4.74 -4.55
CA LEU B 27 -17.61 -5.36 -3.79
C LEU B 27 -17.43 -5.02 -2.31
N LEU B 28 -18.47 -4.47 -1.69
CA LEU B 28 -18.45 -4.19 -0.25
C LEU B 28 -19.64 -4.86 0.40
N LEU B 29 -19.44 -5.42 1.59
CA LEU B 29 -20.47 -6.09 2.36
C LEU B 29 -20.77 -5.27 3.60
N GLN B 30 -22.04 -5.18 3.98
CA GLN B 30 -22.43 -4.39 5.13
C GLN B 30 -22.68 -5.32 6.32
N ALA B 31 -21.96 -5.10 7.41
CA ALA B 31 -22.05 -5.92 8.64
C ALA B 31 -23.47 -5.96 9.23
N SER B 32 -23.88 -7.14 9.70
CA SER B 32 -25.16 -7.31 10.42
C SER B 32 -25.29 -6.56 11.75
N ASP B 33 -24.21 -6.52 12.52
CA ASP B 33 -24.25 -5.99 13.87
C ASP B 33 -23.68 -4.57 13.95
N GLY B 34 -23.59 -4.05 15.19
CA GLY B 34 -23.01 -2.73 15.48
C GLY B 34 -23.64 -1.61 14.64
N ILE B 35 -22.79 -0.69 14.15
CA ILE B 35 -23.24 0.41 13.29
C ILE B 35 -23.29 0.02 11.79
N HIS B 36 -23.14 -1.28 11.51
CA HIS B 36 -23.26 -1.82 10.14
C HIS B 36 -22.22 -1.30 9.20
N HIS B 37 -20.96 -1.53 9.52
CA HIS B 37 -19.85 -1.06 8.69
C HIS B 37 -19.78 -1.75 7.34
N TRP B 38 -19.22 -1.06 6.35
CA TRP B 38 -19.01 -1.62 5.01
C TRP B 38 -17.55 -1.93 4.78
N THR B 39 -17.25 -3.17 4.41
CA THR B 39 -15.86 -3.55 4.07
C THR B 39 -15.82 -4.62 3.00
N PRO B 40 -14.66 -4.80 2.34
CA PRO B 40 -14.53 -5.94 1.43
C PRO B 40 -14.58 -7.19 2.29
N PRO B 41 -14.72 -8.38 1.67
CA PRO B 41 -14.74 -9.63 2.45
C PRO B 41 -13.44 -9.84 3.22
N LYS B 42 -13.53 -10.24 4.48
CA LYS B 42 -12.36 -10.51 5.29
C LYS B 42 -12.73 -11.44 6.42
N GLY B 43 -11.75 -12.03 7.08
CA GLY B 43 -12.00 -12.88 8.23
C GLY B 43 -10.71 -13.13 9.02
N HIS B 44 -10.90 -13.57 10.25
CA HIS B 44 -9.74 -13.83 11.12
C HIS B 44 -8.95 -15.01 10.61
N VAL B 45 -7.66 -14.97 10.89
CA VAL B 45 -6.73 -16.00 10.52
C VAL B 45 -6.99 -17.18 11.42
N GLU B 46 -6.83 -18.38 10.87
CA GLU B 46 -7.06 -19.61 11.60
C GLU B 46 -5.76 -20.39 11.67
N PRO B 47 -5.61 -21.26 12.72
CA PRO B 47 -4.32 -21.81 13.18
C PRO B 47 -3.25 -22.23 12.15
N GLY B 48 -3.59 -23.05 11.16
CA GLY B 48 -2.54 -23.59 10.25
C GLY B 48 -2.68 -23.12 8.81
N GLU B 49 -3.03 -21.84 8.69
CA GLU B 49 -3.46 -21.23 7.46
C GLU B 49 -2.47 -20.14 7.13
N ASP B 50 -2.05 -20.13 5.90
CA ASP B 50 -1.32 -19.07 5.27
C ASP B 50 -2.31 -17.82 5.16
N ASP B 51 -1.78 -16.60 5.30
CA ASP B 51 -2.60 -15.36 5.29
C ASP B 51 -3.45 -15.19 4.01
N LEU B 52 -2.82 -15.45 2.87
CA LEU B 52 -3.52 -15.45 1.59
C LEU B 52 -4.61 -16.53 1.52
N GLU B 53 -4.33 -17.74 2.05
CA GLU B 53 -5.39 -18.75 2.22
C GLU B 53 -6.54 -18.26 3.14
N THR B 54 -6.21 -17.57 4.22
CA THR B 54 -7.29 -16.94 5.03
C THR B 54 -8.16 -16.01 4.18
N ALA B 55 -7.51 -15.16 3.39
CA ALA B 55 -8.22 -14.22 2.50
C ALA B 55 -9.18 -14.98 1.59
N LEU B 56 -8.65 -16.02 0.95
CA LEU B 56 -9.46 -16.83 0.03
C LEU B 56 -10.66 -17.52 0.72
N ARG B 57 -10.44 -18.10 1.92
CA ARG B 57 -11.49 -18.78 2.71
C ARG B 57 -12.58 -17.80 3.19
N ALA B 58 -12.13 -16.67 3.73
CA ALA B 58 -13.01 -15.61 4.22
C ALA B 58 -13.91 -15.10 3.09
N THR B 59 -13.37 -15.02 1.88
CA THR B 59 -14.10 -14.55 0.72
C THR B 59 -15.21 -15.56 0.36
N GLN B 60 -14.84 -16.84 0.25
CA GLN B 60 -15.80 -17.93 0.05
CA GLN B 60 -15.81 -17.91 0.05
C GLN B 60 -16.89 -17.90 1.14
N GLU B 61 -16.49 -17.81 2.40
CA GLU B 61 -17.43 -17.80 3.53
C GLU B 61 -18.37 -16.60 3.57
N GLU B 62 -17.85 -15.41 3.26
CA GLU B 62 -18.59 -14.18 3.49
C GLU B 62 -19.37 -13.69 2.27
N ALA B 63 -18.90 -14.03 1.07
CA ALA B 63 -19.45 -13.52 -0.18
C ALA B 63 -19.81 -14.65 -1.12
N GLY B 64 -19.33 -15.85 -0.84
CA GLY B 64 -19.74 -17.03 -1.59
C GLY B 64 -19.01 -17.19 -2.90
N ILE B 65 -17.89 -16.49 -3.04
CA ILE B 65 -17.07 -16.55 -4.27
C ILE B 65 -15.91 -17.52 -4.05
N GLU B 66 -15.83 -18.58 -4.84
CA GLU B 66 -14.79 -19.62 -4.69
C GLU B 66 -13.53 -19.25 -5.45
N ALA B 67 -12.42 -19.94 -5.15
CA ALA B 67 -11.12 -19.69 -5.80
C ALA B 67 -11.17 -19.71 -7.32
N GLY B 68 -11.97 -20.60 -7.88
CA GLY B 68 -12.03 -20.79 -9.32
C GLY B 68 -12.72 -19.61 -9.95
N GLN B 69 -13.44 -18.87 -9.12
CA GLN B 69 -14.13 -17.68 -9.58
C GLN B 69 -13.30 -16.38 -9.50
N LEU B 70 -12.04 -16.48 -9.05
CA LEU B 70 -11.21 -15.30 -8.68
C LEU B 70 -9.85 -15.34 -9.34
N THR B 71 -9.22 -14.19 -9.52
CA THR B 71 -7.82 -14.18 -9.91
C THR B 71 -7.12 -13.23 -8.97
N ILE B 72 -6.11 -13.70 -8.23
CA ILE B 72 -5.34 -12.83 -7.35
C ILE B 72 -4.42 -11.94 -8.18
N ILE B 73 -4.47 -10.62 -7.99
CA ILE B 73 -3.62 -9.72 -8.78
C ILE B 73 -2.19 -9.62 -8.15
N GLU B 74 -1.16 -10.09 -8.85
N GLU B 74 -1.17 -10.08 -8.89
CA GLU B 74 0.21 -10.11 -8.32
CA GLU B 74 0.26 -10.03 -8.45
C GLU B 74 0.80 -8.69 -8.23
C GLU B 74 0.74 -8.61 -8.21
N GLY B 75 1.44 -8.38 -7.09
CA GLY B 75 2.13 -7.07 -6.90
C GLY B 75 1.42 -6.02 -6.06
N PHE B 76 0.29 -6.39 -5.48
CA PHE B 76 -0.41 -5.49 -4.60
C PHE B 76 -0.75 -6.20 -3.29
N LYS B 77 -0.42 -5.57 -2.19
CA LYS B 77 -0.88 -6.05 -0.91
C LYS B 77 -0.88 -4.83 -0.03
N ARG B 78 -1.86 -4.70 0.89
CA ARG B 78 -1.85 -3.54 1.82
C ARG B 78 -2.21 -4.05 3.20
N GLU B 79 -1.43 -3.64 4.20
CA GLU B 79 -1.75 -3.97 5.59
C GLU B 79 -2.34 -2.77 6.31
N LEU B 80 -3.49 -2.94 6.91
CA LEU B 80 -4.15 -1.87 7.65
C LEU B 80 -3.95 -2.15 9.12
N ASN B 81 -3.58 -1.13 9.88
CA ASN B 81 -3.36 -1.21 11.32
C ASN B 81 -4.15 -0.09 11.93
N TYR B 82 -5.10 -0.44 12.78
CA TYR B 82 -5.82 0.58 13.54
C TYR B 82 -6.27 0.01 14.88
N VAL B 83 -6.63 0.92 15.80
CA VAL B 83 -7.09 0.57 17.16
C VAL B 83 -8.57 0.93 17.23
N ALA B 84 -9.45 -0.09 17.27
CA ALA B 84 -10.91 0.11 17.13
C ALA B 84 -11.77 -0.56 18.22
N ARG B 85 -12.31 0.27 19.12
CA ARG B 85 -12.89 -0.13 20.42
C ARG B 85 -11.75 -0.30 21.41
N ASN B 86 -10.55 0.06 20.97
CA ASN B 86 -9.31 -0.05 21.76
C ASN B 86 -8.75 -1.46 21.84
N LYS B 87 -9.23 -2.26 20.90
CA LYS B 87 -8.61 -3.49 20.52
C LYS B 87 -7.78 -3.13 19.29
N PRO B 88 -6.47 -3.45 19.32
CA PRO B 88 -5.69 -3.19 18.10
C PRO B 88 -6.14 -4.15 17.00
N LYS B 89 -6.27 -3.66 15.76
CA LYS B 89 -6.63 -4.53 14.62
C LYS B 89 -5.64 -4.45 13.48
N THR B 90 -5.41 -5.58 12.84
CA THR B 90 -4.57 -5.66 11.64
C THR B 90 -5.35 -6.42 10.59
N VAL B 91 -5.42 -5.83 9.40
CA VAL B 91 -6.06 -6.48 8.29
C VAL B 91 -5.15 -6.44 7.09
N ILE B 92 -4.96 -7.58 6.45
CA ILE B 92 -4.17 -7.62 5.24
C ILE B 92 -5.08 -7.80 4.07
N TYR B 93 -4.97 -6.95 3.05
CA TYR B 93 -5.73 -7.18 1.82
C TYR B 93 -4.88 -7.44 0.63
N TRP B 94 -5.37 -8.32 -0.25
CA TRP B 94 -4.84 -8.45 -1.63
C TRP B 94 -5.92 -8.01 -2.56
N LEU B 95 -5.61 -7.83 -3.84
CA LEU B 95 -6.60 -7.49 -4.84
C LEU B 95 -6.99 -8.75 -5.57
N ALA B 96 -8.28 -8.94 -5.85
CA ALA B 96 -8.70 -10.11 -6.69
C ALA B 96 -9.85 -9.73 -7.62
N GLU B 97 -9.73 -10.07 -8.91
CA GLU B 97 -10.75 -9.81 -9.90
C GLU B 97 -11.74 -11.01 -10.01
N VAL B 98 -13.06 -10.76 -10.05
CA VAL B 98 -13.95 -11.92 -10.32
C VAL B 98 -13.82 -12.37 -11.80
N LYS B 99 -13.87 -13.68 -12.04
CA LYS B 99 -13.81 -14.22 -13.42
C LYS B 99 -15.10 -13.86 -14.18
N ASP B 100 -16.23 -13.90 -13.49
CA ASP B 100 -17.50 -13.48 -14.09
C ASP B 100 -18.02 -12.22 -13.49
N TYR B 101 -18.22 -11.22 -14.32
CA TYR B 101 -18.80 -9.97 -13.92
C TYR B 101 -20.04 -10.19 -13.02
N ASP B 102 -20.86 -11.18 -13.37
CA ASP B 102 -22.17 -11.31 -12.79
C ASP B 102 -22.22 -12.51 -11.81
N VAL B 103 -21.05 -12.90 -11.30
CA VAL B 103 -20.93 -13.91 -10.25
C VAL B 103 -21.90 -13.65 -9.10
N GLU B 104 -22.54 -14.72 -8.62
CA GLU B 104 -23.51 -14.62 -7.54
C GLU B 104 -22.84 -14.29 -6.20
N ILE B 105 -23.36 -13.28 -5.51
CA ILE B 105 -22.91 -12.96 -4.16
C ILE B 105 -23.87 -13.66 -3.19
N ARG B 106 -23.34 -14.54 -2.34
CA ARG B 106 -24.14 -15.17 -1.30
C ARG B 106 -23.64 -14.70 0.07
N LEU B 107 -24.49 -14.01 0.81
CA LEU B 107 -24.07 -13.52 2.12
C LEU B 107 -24.28 -14.59 3.17
N SER B 108 -23.55 -14.49 4.27
CA SER B 108 -23.81 -15.32 5.45
C SER B 108 -24.44 -14.42 6.50
N HIS B 109 -24.67 -14.96 7.70
CA HIS B 109 -25.33 -14.23 8.78
C HIS B 109 -24.63 -12.95 9.13
N GLU B 110 -23.31 -12.94 8.99
CA GLU B 110 -22.48 -11.78 9.38
C GLU B 110 -22.77 -10.47 8.62
N HIS B 111 -23.36 -10.56 7.42
CA HIS B 111 -23.61 -9.34 6.65
C HIS B 111 -25.03 -9.30 6.14
N GLN B 112 -25.59 -8.10 6.06
CA GLN B 112 -27.01 -7.95 5.68
C GLN B 112 -27.25 -7.34 4.29
N ALA B 113 -26.20 -6.86 3.61
CA ALA B 113 -26.33 -6.26 2.28
C ALA B 113 -24.95 -6.27 1.59
N TYR B 114 -24.95 -6.12 0.27
CA TYR B 114 -23.71 -5.91 -0.48
C TYR B 114 -24.00 -4.90 -1.59
N ARG B 115 -22.92 -4.31 -2.13
CA ARG B 115 -23.03 -3.41 -3.25
C ARG B 115 -21.77 -3.53 -4.02
N TRP B 116 -21.88 -3.43 -5.34
CA TRP B 116 -20.74 -3.22 -6.22
C TRP B 116 -20.70 -1.74 -6.44
N LEU B 117 -19.57 -1.08 -6.13
CA LEU B 117 -19.49 0.38 -6.21
C LEU B 117 -18.24 0.86 -6.92
N GLY B 118 -18.38 1.96 -7.63
CA GLY B 118 -17.23 2.67 -8.16
C GLY B 118 -16.41 3.25 -7.03
N LEU B 119 -15.20 3.66 -7.35
CA LEU B 119 -14.22 4.04 -6.32
C LEU B 119 -14.79 5.10 -5.37
N GLU B 120 -15.34 6.17 -5.92
CA GLU B 120 -15.75 7.27 -5.04
C GLU B 120 -16.85 6.88 -4.08
N GLU B 121 -17.87 6.19 -4.55
CA GLU B 121 -18.88 5.66 -3.61
C GLU B 121 -18.33 4.59 -2.68
N ALA B 122 -17.49 3.69 -3.20
CA ALA B 122 -16.91 2.69 -2.30
C ALA B 122 -16.22 3.39 -1.14
N CYS B 123 -15.45 4.43 -1.44
CA CYS B 123 -14.75 5.15 -0.39
C CYS B 123 -15.69 5.86 0.60
N GLN B 124 -16.80 6.41 0.10
CA GLN B 124 -17.83 7.05 0.95
C GLN B 124 -18.35 6.07 2.00
N LEU B 125 -18.80 4.89 1.52
CA LEU B 125 -19.30 3.84 2.40
C LEU B 125 -18.28 3.27 3.36
N ALA B 126 -17.08 2.97 2.86
CA ALA B 126 -16.02 2.41 3.70
C ALA B 126 -15.75 3.33 4.87
N GLN B 127 -15.86 4.61 4.55
CA GLN B 127 -15.85 5.71 5.51
C GLN B 127 -14.50 5.96 6.17
N PHE B 128 -13.97 4.94 6.84
CA PHE B 128 -12.70 5.01 7.54
CA PHE B 128 -12.75 5.01 7.45
C PHE B 128 -11.50 5.28 6.63
N LYS B 129 -10.52 5.98 7.20
CA LYS B 129 -9.41 6.52 6.44
C LYS B 129 -8.48 5.45 5.86
N GLU B 130 -8.14 4.45 6.66
CA GLU B 130 -7.24 3.44 6.15
C GLU B 130 -7.83 2.57 5.00
N MET B 131 -9.13 2.29 5.08
CA MET B 131 -9.79 1.46 4.07
C MET B 131 -9.94 2.26 2.78
N LYS B 132 -10.30 3.53 2.92
CA LYS B 132 -10.39 4.41 1.73
C LYS B 132 -9.05 4.50 1.02
N ALA B 133 -7.99 4.67 1.78
CA ALA B 133 -6.63 4.75 1.18
C ALA B 133 -6.28 3.46 0.41
N ALA B 134 -6.61 2.32 0.99
CA ALA B 134 -6.31 1.05 0.35
C ALA B 134 -7.12 0.84 -0.92
N LEU B 135 -8.40 1.23 -0.91
CA LEU B 135 -9.21 1.14 -2.11
C LEU B 135 -8.66 2.06 -3.20
N GLN B 136 -8.28 3.29 -2.82
CA GLN B 136 -7.72 4.24 -3.80
C GLN B 136 -6.40 3.70 -4.35
N GLU B 137 -5.55 3.20 -3.45
CA GLU B 137 -4.24 2.66 -3.89
C GLU B 137 -4.45 1.44 -4.77
N GLY B 138 -5.47 0.64 -4.44
CA GLY B 138 -5.83 -0.52 -5.25
C GLY B 138 -6.28 -0.12 -6.66
N HIS B 139 -7.16 0.86 -6.72
CA HIS B 139 -7.60 1.40 -8.01
C HIS B 139 -6.45 1.94 -8.85
N GLN B 140 -5.55 2.67 -8.21
CA GLN B 140 -4.43 3.29 -8.95
C GLN B 140 -3.48 2.21 -9.48
N PHE B 141 -3.25 1.17 -8.69
CA PHE B 141 -2.46 0.00 -9.13
C PHE B 141 -3.08 -0.58 -10.42
N LEU B 142 -4.39 -0.87 -10.36
CA LEU B 142 -5.10 -1.48 -11.46
C LEU B 142 -5.01 -0.62 -12.71
N CYS B 143 -5.24 0.70 -12.59
CA CYS B 143 -5.07 1.62 -13.74
C CYS B 143 -3.67 1.62 -14.32
N SER B 144 -2.63 1.60 -13.48
CA SER B 144 -1.27 1.62 -13.98
C SER B 144 -0.89 0.31 -14.69
N ILE B 145 -1.37 -0.83 -14.20
CA ILE B 145 -1.25 -2.12 -14.91
CA ILE B 145 -1.21 -2.09 -14.91
C ILE B 145 -1.84 -2.00 -16.31
N GLU B 146 -3.07 -1.46 -16.40
CA GLU B 146 -3.72 -1.30 -17.70
C GLU B 146 -2.89 -0.42 -18.63
N ALA B 147 -2.52 0.77 -18.17
CA ALA B 147 -1.64 1.68 -18.93
C ALA B 147 -0.34 1.00 -19.40
N LEU B 148 0.07 -0.06 -18.69
CA LEU B 148 1.25 -0.83 -19.10
C LEU B 148 0.93 -1.87 -20.17
#